data_7Z41
#
_entry.id   7Z41
#
_cell.length_a   45.300
_cell.length_b   68.630
_cell.length_c   158.930
_cell.angle_alpha   90.000
_cell.angle_beta   90.000
_cell.angle_gamma   90.000
#
_symmetry.space_group_name_H-M   'P 21 21 21'
#
loop_
_entity.id
_entity.type
_entity.pdbx_description
1 polymer 'Protein mono-ADP-ribosyltransferase PARP15'
2 non-polymer 5,8-dimethoxy-[1,2,4]triazolo[3,4-b][1,3]benzothiazole
3 non-polymer 'DIMETHYL SULFOXIDE'
4 water water
#
_entity_poly.entity_id   1
_entity_poly.type   'polypeptide(L)'
_entity_poly.pdbx_seq_one_letter_code
;MHHHHHHSSGVDLGTENLYFQSMNLPEHWTDMNHQLFCMVQLEPGQSEYNTIKDKFTRTCSSYAIEKIERIQNAFLWQSY
QVKKRQMDIKNDHKNNERLLFHGTDADSVPYVNQHGFNRSCAGKNAVSYGKGTYFAVDASYSAKDTYSKPDSNGRKHMYV
VRVLTGVFTKGRAGLVTPPPKNPHNPTDLFDSVTNNTRSPKLFVVFFDNQAYPEYLITFTA
;
_entity_poly.pdbx_strand_id   A,B
#
# COMPACT_ATOMS: atom_id res chain seq x y z
N ASN A 24 14.04 -15.09 -1.73
CA ASN A 24 15.23 -14.64 -0.94
C ASN A 24 14.85 -14.48 0.53
N LEU A 25 14.25 -15.53 1.14
CA LEU A 25 13.69 -15.54 2.53
C LEU A 25 14.80 -15.63 3.57
N PRO A 26 14.73 -14.89 4.70
CA PRO A 26 15.86 -14.76 5.62
C PRO A 26 16.37 -16.09 6.19
N GLU A 27 17.69 -16.17 6.41
CA GLU A 27 18.40 -17.44 6.73
C GLU A 27 17.83 -18.04 8.02
N HIS A 28 17.52 -17.20 9.01
CA HIS A 28 17.06 -17.58 10.38
C HIS A 28 15.62 -18.11 10.37
N TRP A 29 14.90 -17.98 9.26
CA TRP A 29 13.56 -18.59 9.12
C TRP A 29 13.72 -20.10 9.15
N THR A 30 12.68 -20.80 9.56
CA THR A 30 12.59 -22.28 9.57
C THR A 30 11.69 -22.69 8.41
N ASP A 31 11.90 -23.93 7.94
CA ASP A 31 11.27 -24.51 6.73
C ASP A 31 9.74 -24.42 6.85
N MET A 32 9.05 -24.21 5.74
CA MET A 32 7.59 -24.00 5.76
C MET A 32 6.87 -25.05 4.91
N ASN A 33 7.58 -26.10 4.50
CA ASN A 33 7.00 -27.21 3.70
C ASN A 33 6.31 -26.61 2.47
N HIS A 34 6.98 -25.69 1.79
CA HIS A 34 6.48 -25.05 0.55
C HIS A 34 5.26 -24.16 0.85
N GLN A 35 4.98 -23.84 2.12
CA GLN A 35 3.93 -22.85 2.47
C GLN A 35 4.57 -21.46 2.52
N LEU A 36 3.74 -20.41 2.46
CA LEU A 36 4.17 -19.00 2.31
C LEU A 36 3.87 -18.22 3.58
N PHE A 37 3.14 -18.81 4.54
CA PHE A 37 2.78 -18.13 5.82
C PHE A 37 2.88 -19.12 6.98
N CYS A 38 3.67 -18.78 7.99
CA CYS A 38 3.74 -19.55 9.25
C CYS A 38 4.11 -18.61 10.40
N MET A 39 3.40 -18.73 11.51
CA MET A 39 3.76 -18.18 12.86
C MET A 39 4.58 -19.23 13.62
N VAL A 40 5.83 -18.92 13.99
CA VAL A 40 6.75 -19.92 14.60
C VAL A 40 7.09 -19.47 16.02
N GLN A 41 6.64 -20.25 16.99
CA GLN A 41 6.88 -19.94 18.41
C GLN A 41 8.37 -20.13 18.70
N LEU A 42 9.04 -19.08 19.22
CA LEU A 42 10.49 -19.13 19.57
C LEU A 42 10.71 -19.95 20.84
N GLU A 43 11.82 -20.68 20.88
CA GLU A 43 12.30 -21.44 22.07
C GLU A 43 12.89 -20.48 23.09
N PRO A 44 12.39 -20.41 24.35
CA PRO A 44 13.05 -19.64 25.40
C PRO A 44 14.53 -20.02 25.56
N GLY A 45 15.37 -19.06 25.95
CA GLY A 45 16.79 -19.31 26.27
C GLY A 45 17.70 -19.27 25.04
N GLN A 46 17.16 -19.43 23.84
CA GLN A 46 17.99 -19.36 22.60
C GLN A 46 18.15 -17.90 22.19
N SER A 47 19.22 -17.63 21.44
CA SER A 47 19.73 -16.28 21.08
C SER A 47 18.62 -15.38 20.50
N GLU A 48 17.88 -15.86 19.50
CA GLU A 48 16.84 -15.04 18.80
C GLU A 48 15.81 -14.55 19.83
N TYR A 49 15.28 -15.46 20.64
CA TYR A 49 14.31 -15.19 21.74
C TYR A 49 14.94 -14.17 22.71
N ASN A 50 16.17 -14.42 23.15
CA ASN A 50 16.88 -13.56 24.13
C ASN A 50 17.01 -12.13 23.55
N THR A 51 17.36 -12.01 22.29
CA THR A 51 17.53 -10.70 21.60
C THR A 51 16.20 -9.95 21.60
N ILE A 52 15.11 -10.60 21.22
CA ILE A 52 13.79 -9.92 21.13
C ILE A 52 13.28 -9.62 22.54
N LYS A 53 13.43 -10.56 23.50
CA LYS A 53 13.04 -10.40 24.93
C LYS A 53 13.69 -9.14 25.52
N ASP A 54 15.00 -8.98 25.33
CA ASP A 54 15.74 -7.85 25.93
CA ASP A 54 15.80 -7.85 25.86
C ASP A 54 15.22 -6.52 25.37
N LYS A 55 14.87 -6.44 24.08
CA LYS A 55 14.38 -5.16 23.47
C LYS A 55 13.12 -4.73 24.21
N PHE A 56 12.26 -5.68 24.54
CA PHE A 56 10.98 -5.47 25.25
C PHE A 56 11.24 -5.16 26.72
N THR A 57 12.03 -5.99 27.41
CA THR A 57 12.28 -5.85 28.88
C THR A 57 13.10 -4.60 29.16
N ARG A 58 13.80 -4.07 28.17
CA ARG A 58 14.47 -2.75 28.28
C ARG A 58 13.54 -1.75 28.95
N THR A 59 12.24 -1.73 28.60
CA THR A 59 11.26 -0.74 29.14
C THR A 59 10.03 -1.43 29.73
N CYS A 60 9.88 -2.76 29.56
CA CYS A 60 8.69 -3.53 30.00
C CYS A 60 9.09 -4.68 30.91
N SER A 61 10.09 -4.50 31.77
CA SER A 61 10.61 -5.58 32.66
C SER A 61 9.59 -5.93 33.73
N SER A 62 8.53 -5.12 33.94
CA SER A 62 7.52 -5.40 34.99
C SER A 62 6.39 -6.29 34.45
N TYR A 63 6.36 -6.58 33.15
CA TYR A 63 5.27 -7.38 32.51
C TYR A 63 5.66 -8.88 32.56
N ALA A 64 4.71 -9.76 32.26
CA ALA A 64 4.95 -11.22 32.09
C ALA A 64 4.86 -11.60 30.61
N ILE A 65 5.92 -12.14 30.01
CA ILE A 65 5.93 -12.70 28.63
C ILE A 65 5.44 -14.14 28.66
N GLU A 66 4.34 -14.41 27.95
CA GLU A 66 3.81 -15.76 27.74
C GLU A 66 4.54 -16.42 26.56
N LYS A 67 4.78 -15.71 25.46
CA LYS A 67 5.52 -16.29 24.31
C LYS A 67 5.91 -15.21 23.28
N ILE A 68 6.86 -15.58 22.44
CA ILE A 68 7.27 -14.76 21.28
C ILE A 68 7.20 -15.64 20.02
N GLU A 69 6.62 -15.10 18.96
CA GLU A 69 6.49 -15.79 17.66
C GLU A 69 7.19 -14.96 16.58
N ARG A 70 7.95 -15.64 15.73
CA ARG A 70 8.49 -15.11 14.46
C ARG A 70 7.37 -15.21 13.42
N ILE A 71 7.08 -14.07 12.78
CA ILE A 71 6.11 -13.94 11.67
C ILE A 71 6.89 -14.22 10.39
N GLN A 72 6.60 -15.38 9.79
CA GLN A 72 7.14 -15.79 8.48
C GLN A 72 6.03 -15.58 7.44
N ASN A 73 6.01 -14.40 6.83
CA ASN A 73 5.06 -14.01 5.75
C ASN A 73 5.90 -13.65 4.53
N ALA A 74 6.01 -14.57 3.57
CA ALA A 74 6.88 -14.45 2.39
C ALA A 74 6.43 -13.28 1.53
N PHE A 75 5.12 -13.14 1.27
CA PHE A 75 4.54 -12.07 0.42
C PHE A 75 4.82 -10.70 1.05
N LEU A 76 4.46 -10.53 2.32
CA LEU A 76 4.75 -9.29 3.11
C LEU A 76 6.24 -9.01 3.10
N TRP A 77 7.06 -10.04 3.27
CA TRP A 77 8.53 -9.89 3.30
C TRP A 77 9.07 -9.42 1.94
N GLN A 78 8.62 -9.96 0.81
CA GLN A 78 9.18 -9.51 -0.50
C GLN A 78 8.71 -8.09 -0.79
N SER A 79 7.42 -7.79 -0.59
CA SER A 79 6.89 -6.41 -0.80
C SER A 79 7.70 -5.42 0.05
N TYR A 80 8.02 -5.77 1.30
CA TYR A 80 8.84 -4.91 2.19
C TYR A 80 10.26 -4.76 1.64
N GLN A 81 10.89 -5.85 1.19
CA GLN A 81 12.32 -5.83 0.77
C GLN A 81 12.46 -5.03 -0.52
N VAL A 82 11.45 -5.10 -1.39
CA VAL A 82 11.36 -4.26 -2.61
C VAL A 82 11.34 -2.78 -2.22
N LYS A 83 10.46 -2.38 -1.30
CA LYS A 83 10.41 -0.97 -0.83
C LYS A 83 11.75 -0.57 -0.23
N LYS A 84 12.37 -1.45 0.57
CA LYS A 84 13.67 -1.16 1.22
C LYS A 84 14.73 -0.88 0.14
N ARG A 85 14.77 -1.72 -0.89
CA ARG A 85 15.78 -1.60 -1.98
C ARG A 85 15.54 -0.25 -2.70
N GLN A 86 14.27 0.09 -2.95
CA GLN A 86 13.86 1.36 -3.58
C GLN A 86 14.29 2.56 -2.73
N MET A 87 14.07 2.50 -1.42
CA MET A 87 14.43 3.62 -0.51
C MET A 87 15.95 3.71 -0.39
N ASP A 88 16.67 2.59 -0.34
CA ASP A 88 18.15 2.60 -0.19
C ASP A 88 18.78 3.28 -1.43
N ILE A 89 18.21 3.05 -2.61
CA ILE A 89 18.62 3.69 -3.88
C ILE A 89 18.25 5.17 -3.83
N LYS A 90 16.97 5.49 -3.59
CA LYS A 90 16.47 6.90 -3.61
C LYS A 90 17.26 7.73 -2.58
N ASN A 91 17.55 7.19 -1.40
CA ASN A 91 18.23 7.95 -0.32
C ASN A 91 19.75 7.81 -0.41
N ASP A 92 20.26 6.93 -1.29
CA ASP A 92 21.71 6.80 -1.63
C ASP A 92 22.52 6.36 -0.40
N HIS A 93 21.88 5.70 0.56
CA HIS A 93 22.50 5.06 1.76
C HIS A 93 21.55 3.96 2.20
N LYS A 94 21.93 3.18 3.22
CA LYS A 94 21.20 1.98 3.66
C LYS A 94 20.91 2.05 5.16
N ASN A 95 20.72 3.25 5.72
CA ASN A 95 20.28 3.47 7.12
C ASN A 95 18.81 3.89 7.14
N ASN A 96 17.96 3.18 6.41
CA ASN A 96 16.54 3.61 6.23
C ASN A 96 15.62 2.79 7.15
N GLU A 97 16.16 1.80 7.85
CA GLU A 97 15.39 0.79 8.60
C GLU A 97 15.61 0.98 10.12
N ARG A 98 14.53 0.87 10.90
CA ARG A 98 14.54 0.88 12.39
C ARG A 98 13.67 -0.27 12.91
N LEU A 99 13.96 -0.69 14.13
CA LEU A 99 13.17 -1.72 14.84
C LEU A 99 12.27 -1.00 15.84
N LEU A 100 10.96 -1.14 15.68
CA LEU A 100 9.97 -0.33 16.43
C LEU A 100 8.88 -1.28 16.97
N PHE A 101 7.99 -0.75 17.82
CA PHE A 101 6.93 -1.54 18.49
C PHE A 101 5.56 -1.04 18.04
N HIS A 102 4.60 -1.94 17.99
CA HIS A 102 3.19 -1.62 17.68
C HIS A 102 2.29 -2.48 18.55
N GLY A 103 1.59 -1.89 19.51
CA GLY A 103 0.56 -2.58 20.29
C GLY A 103 -0.75 -2.57 19.52
N THR A 104 -1.51 -3.64 19.59
CA THR A 104 -2.85 -3.69 18.96
C THR A 104 -3.74 -4.67 19.74
N ASP A 105 -5.02 -4.74 19.39
CA ASP A 105 -6.03 -5.62 20.02
C ASP A 105 -5.91 -7.04 19.43
N ALA A 106 -6.37 -8.03 20.19
CA ALA A 106 -6.44 -9.45 19.79
C ALA A 106 -7.09 -9.59 18.42
N ASP A 107 -8.14 -8.83 18.15
CA ASP A 107 -8.97 -9.00 16.93
C ASP A 107 -8.22 -8.52 15.68
N SER A 108 -7.20 -7.66 15.82
CA SER A 108 -6.37 -7.16 14.70
C SER A 108 -5.18 -8.08 14.40
N VAL A 109 -4.83 -9.00 15.29
CA VAL A 109 -3.56 -9.79 15.20
C VAL A 109 -3.56 -10.66 13.93
N PRO A 110 -4.62 -11.45 13.65
CA PRO A 110 -4.63 -12.31 12.47
C PRO A 110 -4.44 -11.45 11.21
N TYR A 111 -5.12 -10.31 11.15
CA TYR A 111 -5.02 -9.37 10.01
C TYR A 111 -3.56 -8.93 9.85
N VAL A 112 -2.92 -8.46 10.93
CA VAL A 112 -1.54 -7.95 10.84
C VAL A 112 -0.61 -9.08 10.40
N ASN A 113 -0.73 -10.28 11.00
CA ASN A 113 0.15 -11.43 10.65
C ASN A 113 0.08 -11.66 9.14
N GLN A 114 -1.12 -11.56 8.55
CA GLN A 114 -1.40 -11.98 7.16
C GLN A 114 -1.18 -10.81 6.20
N HIS A 115 -1.60 -9.60 6.54
CA HIS A 115 -1.65 -8.44 5.60
C HIS A 115 -0.77 -7.27 6.06
N GLY A 116 -0.14 -7.34 7.23
CA GLY A 116 0.67 -6.24 7.75
C GLY A 116 -0.18 -5.07 8.21
N PHE A 117 0.40 -3.86 8.21
CA PHE A 117 -0.21 -2.64 8.79
C PHE A 117 -0.97 -1.88 7.69
N ASN A 118 -2.14 -1.35 8.06
CA ASN A 118 -3.09 -0.72 7.13
C ASN A 118 -3.60 0.57 7.80
N ARG A 119 -3.21 1.71 7.25
CA ARG A 119 -3.56 3.07 7.77
C ARG A 119 -5.09 3.29 7.74
N SER A 120 -5.83 2.58 6.87
CA SER A 120 -7.31 2.66 6.71
C SER A 120 -8.06 2.00 7.88
N CYS A 121 -7.36 1.27 8.75
CA CYS A 121 -7.95 0.61 9.95
C CYS A 121 -7.89 1.59 11.12
N ALA A 122 -6.68 2.02 11.54
CA ALA A 122 -6.38 2.70 12.83
C ALA A 122 -7.60 3.49 13.33
N ASN A 125 -7.88 5.61 18.13
CA ASN A 125 -6.82 6.28 18.91
C ASN A 125 -6.43 7.61 18.24
N ALA A 126 -5.60 8.41 18.91
CA ALA A 126 -5.03 9.68 18.39
C ALA A 126 -4.34 9.41 17.04
N VAL A 127 -4.38 10.40 16.14
CA VAL A 127 -3.65 10.44 14.83
C VAL A 127 -3.13 11.86 14.61
N SER A 128 -2.57 12.42 15.69
CA SER A 128 -2.21 13.85 15.82
C SER A 128 -0.94 14.16 15.01
N TYR A 129 -0.21 13.15 14.53
CA TYR A 129 0.96 13.36 13.63
C TYR A 129 0.66 12.85 12.22
N GLY A 130 -0.60 12.52 11.91
CA GLY A 130 -1.01 12.16 10.54
C GLY A 130 -1.79 10.87 10.50
N LYS A 131 -2.49 10.61 9.39
CA LYS A 131 -3.34 9.42 9.21
C LYS A 131 -2.49 8.31 8.60
N GLY A 132 -1.61 7.74 9.42
CA GLY A 132 -0.76 6.59 9.05
C GLY A 132 -0.77 5.55 10.15
N THR A 133 0.11 4.57 10.04
CA THR A 133 0.31 3.56 11.10
C THR A 133 1.41 4.08 12.04
N TYR A 134 1.20 3.90 13.34
CA TYR A 134 2.05 4.47 14.41
C TYR A 134 2.94 3.36 14.94
N PHE A 135 4.21 3.68 15.18
CA PHE A 135 5.20 2.75 15.78
C PHE A 135 5.96 3.50 16.88
N ALA A 136 6.21 2.81 18.00
CA ALA A 136 6.86 3.39 19.19
C ALA A 136 8.32 2.97 19.22
N VAL A 137 9.21 3.88 19.60
CA VAL A 137 10.64 3.53 19.91
C VAL A 137 10.69 2.59 21.13
N ASP A 138 9.87 2.84 22.15
CA ASP A 138 9.91 2.12 23.44
C ASP A 138 8.70 1.19 23.51
N ALA A 139 8.90 -0.07 23.91
CA ALA A 139 7.83 -1.08 24.08
C ALA A 139 6.80 -0.58 25.11
N SER A 140 7.25 0.18 26.11
CA SER A 140 6.41 0.67 27.22
C SER A 140 5.34 1.62 26.69
N TYR A 141 5.61 2.38 25.62
CA TYR A 141 4.60 3.22 24.94
C TYR A 141 3.54 2.30 24.30
N SER A 142 3.98 1.24 23.62
CA SER A 142 3.10 0.28 22.90
C SER A 142 2.34 -0.60 23.91
N ALA A 143 2.87 -0.73 25.13
CA ALA A 143 2.29 -1.54 26.24
C ALA A 143 1.05 -0.87 26.88
N LYS A 144 0.80 0.41 26.62
CA LYS A 144 -0.45 1.07 27.06
C LYS A 144 -1.67 0.28 26.54
N ASP A 145 -2.66 0.11 27.42
CA ASP A 145 -3.94 -0.63 27.20
C ASP A 145 -4.71 -0.04 26.02
N THR A 146 -4.60 1.26 25.78
CA THR A 146 -5.24 1.94 24.63
C THR A 146 -4.73 1.34 23.30
N TYR A 147 -3.48 0.89 23.23
CA TYR A 147 -2.89 0.26 22.02
C TYR A 147 -2.89 -1.27 22.18
N SER A 148 -2.14 -1.84 23.14
CA SER A 148 -2.11 -3.31 23.37
C SER A 148 -3.27 -3.70 24.31
N LYS A 149 -4.50 -3.59 23.80
CA LYS A 149 -5.77 -3.77 24.56
C LYS A 149 -5.81 -5.17 25.16
N PRO A 150 -5.92 -5.31 26.51
CA PRO A 150 -6.00 -6.62 27.14
C PRO A 150 -7.25 -7.36 26.65
N ASP A 151 -7.13 -8.64 26.27
CA ASP A 151 -8.32 -9.46 25.90
C ASP A 151 -9.01 -9.89 27.18
N SER A 152 -10.12 -10.61 27.08
CA SER A 152 -10.87 -11.18 28.23
C SER A 152 -9.91 -11.66 29.33
N ASN A 153 -8.83 -12.36 28.95
CA ASN A 153 -7.90 -13.08 29.88
C ASN A 153 -6.79 -12.17 30.40
N GLY A 154 -6.70 -10.92 29.92
CA GLY A 154 -5.63 -9.99 30.31
C GLY A 154 -4.44 -10.07 29.38
N ARG A 155 -4.53 -10.87 28.31
CA ARG A 155 -3.43 -11.06 27.33
C ARG A 155 -3.35 -9.80 26.45
N LYS A 156 -2.12 -9.31 26.28
CA LYS A 156 -1.77 -8.11 25.49
C LYS A 156 -0.84 -8.56 24.35
N HIS A 157 -0.87 -7.81 23.24
CA HIS A 157 -0.18 -8.17 21.99
C HIS A 157 0.61 -6.97 21.46
N MET A 158 1.89 -7.19 21.23
CA MET A 158 2.80 -6.15 20.70
C MET A 158 3.67 -6.80 19.61
N TYR A 159 3.77 -6.14 18.45
CA TYR A 159 4.71 -6.56 17.37
C TYR A 159 6.04 -5.85 17.56
N VAL A 160 7.12 -6.55 17.24
CA VAL A 160 8.45 -5.96 16.93
C VAL A 160 8.48 -5.85 15.42
N VAL A 161 8.67 -4.64 14.91
CA VAL A 161 8.40 -4.29 13.49
C VAL A 161 9.64 -3.69 12.88
N ARG A 162 10.00 -4.17 11.69
CA ARG A 162 10.96 -3.50 10.81
C ARG A 162 10.23 -2.39 10.07
N VAL A 163 10.62 -1.14 10.26
CA VAL A 163 9.92 -0.03 9.55
C VAL A 163 10.93 0.87 8.83
N LEU A 164 10.60 1.17 7.58
CA LEU A 164 11.43 2.01 6.67
C LEU A 164 11.12 3.47 6.99
N THR A 165 11.77 3.99 8.04
CA THR A 165 11.62 5.38 8.55
C THR A 165 12.31 6.34 7.56
N GLY A 166 13.38 5.88 6.91
CA GLY A 166 14.13 6.66 5.92
C GLY A 166 14.47 8.03 6.47
N VAL A 167 14.32 9.06 5.63
CA VAL A 167 14.52 10.50 5.99
C VAL A 167 13.17 10.99 6.54
N PHE A 168 13.14 11.53 7.75
CA PHE A 168 11.87 11.86 8.45
C PHE A 168 11.87 13.33 8.83
N THR A 169 10.66 13.85 8.99
CA THR A 169 10.40 15.23 9.45
C THR A 169 9.32 15.16 10.53
N LYS A 170 9.06 16.29 11.17
CA LYS A 170 8.06 16.47 12.25
C LYS A 170 6.68 16.32 11.61
N GLY A 171 5.82 15.49 12.18
CA GLY A 171 4.43 15.32 11.68
C GLY A 171 3.49 16.40 12.20
N ARG A 172 2.24 16.36 11.78
CA ARG A 172 1.17 17.26 12.26
C ARG A 172 -0.17 16.65 11.85
N ALA A 173 -1.26 17.06 12.51
CA ALA A 173 -2.59 16.47 12.30
C ALA A 173 -3.00 16.65 10.84
N GLY A 174 -3.61 15.62 10.25
CA GLY A 174 -4.31 15.67 8.97
C GLY A 174 -3.45 15.22 7.79
N LEU A 175 -2.13 15.04 7.98
CA LEU A 175 -1.26 14.53 6.88
C LEU A 175 -1.83 13.22 6.34
N VAL A 176 -1.88 13.02 5.02
CA VAL A 176 -2.29 11.73 4.41
C VAL A 176 -1.06 11.03 3.81
N THR A 177 0.00 11.78 3.53
CA THR A 177 1.34 11.27 3.15
C THR A 177 2.34 12.14 3.89
N PRO A 178 3.64 11.78 3.95
CA PRO A 178 4.60 12.67 4.59
C PRO A 178 4.67 13.95 3.75
N PRO A 179 5.19 15.05 4.32
CA PRO A 179 5.42 16.28 3.58
C PRO A 179 6.51 16.18 2.51
N PRO A 180 6.51 17.09 1.52
CA PRO A 180 7.64 17.21 0.61
C PRO A 180 8.92 17.69 1.32
N LYS A 181 10.09 17.18 0.91
CA LYS A 181 11.38 17.71 1.39
C LYS A 181 11.51 19.17 0.97
N ASN A 182 11.28 19.47 -0.31
CA ASN A 182 11.31 20.85 -0.86
C ASN A 182 9.94 21.19 -1.43
N PRO A 183 9.27 22.25 -0.92
CA PRO A 183 8.00 22.70 -1.50
C PRO A 183 7.99 22.95 -3.02
N HIS A 184 9.17 23.10 -3.65
CA HIS A 184 9.34 23.36 -5.10
C HIS A 184 9.49 22.06 -5.91
N ASN A 185 9.66 20.89 -5.25
CA ASN A 185 9.49 19.53 -5.83
C ASN A 185 8.43 18.78 -5.02
N PRO A 186 7.14 19.17 -5.11
CA PRO A 186 6.13 18.68 -4.18
C PRO A 186 6.02 17.15 -4.07
N THR A 187 6.43 16.39 -5.09
CA THR A 187 6.28 14.91 -5.12
C THR A 187 7.50 14.19 -4.52
N ASP A 188 8.60 14.89 -4.25
CA ASP A 188 9.79 14.27 -3.59
C ASP A 188 9.59 14.35 -2.08
N LEU A 189 9.10 13.27 -1.46
CA LEU A 189 8.54 13.29 -0.06
C LEU A 189 9.58 12.84 0.95
N PHE A 190 9.43 13.26 2.21
CA PHE A 190 10.02 12.53 3.37
C PHE A 190 9.50 11.09 3.34
N ASP A 191 10.19 10.16 3.97
CA ASP A 191 9.79 8.72 3.99
C ASP A 191 8.79 8.48 5.12
N SER A 192 8.97 9.19 6.22
CA SER A 192 8.14 9.03 7.42
C SER A 192 8.09 10.37 8.15
N VAL A 193 7.28 10.40 9.20
CA VAL A 193 7.06 11.58 10.06
C VAL A 193 7.28 11.13 11.51
N THR A 194 7.62 12.05 12.41
CA THR A 194 7.90 11.75 13.83
C THR A 194 7.27 12.84 14.72
N ASN A 195 7.14 12.57 16.03
CA ASN A 195 6.77 13.59 17.04
C ASN A 195 7.92 14.59 17.25
N ASN A 196 9.17 14.16 17.08
CA ASN A 196 10.35 14.98 17.46
C ASN A 196 11.56 14.45 16.69
N THR A 197 12.20 15.29 15.87
CA THR A 197 13.29 14.91 14.93
C THR A 197 14.61 14.78 15.71
N ARG A 198 14.85 15.61 16.72
CA ARG A 198 16.07 15.53 17.58
C ARG A 198 16.00 14.24 18.42
N SER A 199 14.85 13.91 19.00
CA SER A 199 14.72 12.73 19.91
C SER A 199 13.39 12.02 19.69
N PRO A 200 13.29 11.21 18.62
CA PRO A 200 12.00 10.63 18.24
C PRO A 200 11.54 9.56 19.22
N LYS A 201 10.23 9.51 19.51
CA LYS A 201 9.59 8.43 20.31
C LYS A 201 8.45 7.77 19.52
N LEU A 202 7.95 8.40 18.46
CA LEU A 202 6.88 7.86 17.57
C LEU A 202 7.32 8.09 16.12
N PHE A 203 7.06 7.12 15.25
CA PHE A 203 7.17 7.23 13.78
C PHE A 203 5.83 6.86 13.16
N VAL A 204 5.45 7.53 12.08
CA VAL A 204 4.23 7.13 11.36
C VAL A 204 4.60 7.05 9.88
N VAL A 205 4.14 5.98 9.24
CA VAL A 205 4.34 5.70 7.79
C VAL A 205 2.94 5.61 7.18
N PHE A 206 2.85 5.97 5.90
CA PHE A 206 1.60 6.31 5.18
C PHE A 206 1.40 5.35 4.00
N PHE A 207 2.27 4.35 3.82
CA PHE A 207 2.22 3.42 2.65
C PHE A 207 2.29 1.97 3.13
N ASP A 208 1.51 1.10 2.46
CA ASP A 208 1.52 -0.36 2.69
C ASP A 208 2.95 -0.84 2.47
N ASN A 209 3.41 -1.83 3.22
CA ASN A 209 4.68 -2.52 2.89
C ASN A 209 5.87 -1.59 3.21
N GLN A 210 5.68 -0.57 4.05
CA GLN A 210 6.80 0.21 4.62
C GLN A 210 7.14 -0.35 6.00
N ALA A 211 6.38 -1.33 6.47
CA ALA A 211 6.57 -1.99 7.78
C ALA A 211 6.37 -3.49 7.64
N TYR A 212 7.30 -4.29 8.15
CA TYR A 212 7.21 -5.77 8.24
C TYR A 212 7.05 -6.17 9.69
N PRO A 213 5.94 -6.85 10.05
CA PRO A 213 5.73 -7.31 11.42
C PRO A 213 6.60 -8.55 11.62
N GLU A 214 7.66 -8.48 12.43
CA GLU A 214 8.71 -9.52 12.46
C GLU A 214 8.48 -10.49 13.63
N TYR A 215 8.14 -9.98 14.81
CA TYR A 215 7.79 -10.82 15.99
C TYR A 215 6.48 -10.33 16.62
N LEU A 216 5.77 -11.27 17.25
CA LEU A 216 4.56 -10.99 18.07
C LEU A 216 4.89 -11.42 19.49
N ILE A 217 4.81 -10.49 20.43
CA ILE A 217 5.01 -10.75 21.88
C ILE A 217 3.61 -10.77 22.50
N THR A 218 3.25 -11.90 23.10
CA THR A 218 2.03 -12.07 23.91
C THR A 218 2.47 -11.97 25.36
N PHE A 219 1.88 -11.05 26.13
CA PHE A 219 2.35 -10.71 27.49
C PHE A 219 1.16 -10.27 28.35
N THR A 220 1.41 -10.02 29.64
CA THR A 220 0.38 -9.57 30.62
C THR A 220 1.01 -8.59 31.60
N ALA A 221 0.17 -7.81 32.27
CA ALA A 221 0.55 -6.79 33.28
C ALA A 221 1.13 -7.48 34.52
N ASN B 24 13.88 -6.43 -14.07
CA ASN B 24 13.25 -6.61 -15.41
C ASN B 24 12.21 -5.51 -15.63
N LEU B 25 12.62 -4.34 -16.12
CA LEU B 25 11.74 -3.33 -16.78
C LEU B 25 11.43 -3.84 -18.18
N PRO B 26 10.22 -3.64 -18.75
CA PRO B 26 9.91 -4.18 -20.07
C PRO B 26 10.85 -3.66 -21.17
N GLU B 27 11.14 -4.49 -22.17
CA GLU B 27 12.19 -4.21 -23.20
C GLU B 27 11.75 -3.20 -24.27
N HIS B 28 10.47 -2.85 -24.34
CA HIS B 28 9.94 -1.87 -25.32
C HIS B 28 9.92 -0.48 -24.66
N TRP B 29 10.23 -0.38 -23.38
CA TRP B 29 10.36 0.94 -22.72
C TRP B 29 11.53 1.69 -23.34
N THR B 30 11.40 3.01 -23.47
CA THR B 30 12.50 3.96 -23.69
C THR B 30 13.61 3.69 -22.67
N ASP B 31 14.87 3.73 -23.10
CA ASP B 31 16.02 3.74 -22.18
C ASP B 31 15.89 5.01 -21.34
N MET B 32 15.99 4.92 -20.04
CA MET B 32 15.74 6.09 -19.16
C MET B 32 17.08 6.64 -18.66
N ASN B 33 18.20 6.12 -19.15
CA ASN B 33 19.54 6.70 -18.88
C ASN B 33 19.74 6.75 -17.36
N HIS B 34 19.59 5.60 -16.70
CA HIS B 34 19.75 5.40 -15.23
C HIS B 34 18.66 6.13 -14.42
N GLN B 35 17.78 6.91 -15.05
CA GLN B 35 16.63 7.61 -14.40
C GLN B 35 15.54 6.57 -14.05
N LEU B 36 14.69 6.91 -13.08
CA LEU B 36 13.67 6.04 -12.45
C LEU B 36 12.27 6.36 -12.98
N PHE B 37 12.11 7.45 -13.73
CA PHE B 37 10.78 7.96 -14.17
C PHE B 37 10.91 8.66 -15.52
N CYS B 38 9.89 8.50 -16.37
CA CYS B 38 9.83 9.12 -17.71
C CYS B 38 8.39 9.04 -18.24
N MET B 39 7.89 10.15 -18.79
CA MET B 39 6.66 10.17 -19.62
C MET B 39 7.10 10.10 -21.08
N VAL B 40 6.56 9.16 -21.84
CA VAL B 40 6.94 8.95 -23.26
C VAL B 40 5.68 9.18 -24.12
N GLN B 41 5.77 10.23 -24.94
CA GLN B 41 4.72 10.65 -25.89
C GLN B 41 4.65 9.64 -27.04
N LEU B 42 3.47 9.11 -27.30
CA LEU B 42 3.24 8.08 -28.34
C LEU B 42 2.89 8.76 -29.66
N GLU B 43 3.17 8.07 -30.77
CA GLU B 43 2.90 8.56 -32.15
C GLU B 43 1.64 7.89 -32.66
N PRO B 44 0.61 8.68 -33.05
CA PRO B 44 -0.56 8.13 -33.73
C PRO B 44 -0.13 7.24 -34.90
N GLY B 45 -0.89 6.19 -35.22
CA GLY B 45 -0.49 5.20 -36.26
C GLY B 45 0.31 4.04 -35.69
N GLN B 46 1.02 4.20 -34.58
CA GLN B 46 1.59 3.04 -33.85
C GLN B 46 0.42 2.25 -33.24
N SER B 47 0.51 0.92 -33.21
CA SER B 47 -0.48 0.00 -32.59
C SER B 47 -0.66 0.42 -31.12
N GLU B 48 0.44 0.80 -30.44
CA GLU B 48 0.37 1.13 -29.00
C GLU B 48 -0.58 2.33 -28.80
N TYR B 49 -0.46 3.37 -29.62
CA TYR B 49 -1.31 4.59 -29.56
C TYR B 49 -2.73 4.24 -29.99
N ASN B 50 -2.86 3.55 -31.11
CA ASN B 50 -4.17 3.29 -31.77
C ASN B 50 -5.05 2.43 -30.87
N THR B 51 -4.51 1.43 -30.20
CA THR B 51 -5.31 0.54 -29.33
C THR B 51 -5.88 1.36 -28.17
N ILE B 52 -5.07 2.20 -27.54
CA ILE B 52 -5.55 3.09 -26.45
C ILE B 52 -6.63 4.02 -26.97
N LYS B 53 -6.40 4.67 -28.12
CA LYS B 53 -7.40 5.55 -28.76
C LYS B 53 -8.70 4.77 -29.03
N ASP B 54 -8.65 3.54 -29.51
CA ASP B 54 -9.91 2.79 -29.79
C ASP B 54 -10.62 2.47 -28.48
N LYS B 55 -9.86 2.09 -27.46
CA LYS B 55 -10.42 1.73 -26.14
C LYS B 55 -11.21 2.94 -25.62
N PHE B 56 -10.62 4.13 -25.76
CA PHE B 56 -11.19 5.42 -25.31
C PHE B 56 -12.42 5.80 -26.16
N THR B 57 -12.27 5.82 -27.50
CA THR B 57 -13.32 6.35 -28.41
C THR B 57 -14.51 5.41 -28.45
N ARG B 58 -14.34 4.15 -28.08
CA ARG B 58 -15.45 3.17 -27.98
C ARG B 58 -16.64 3.80 -27.22
N THR B 59 -16.39 4.58 -26.17
CA THR B 59 -17.44 5.22 -25.33
C THR B 59 -17.28 6.76 -25.30
N CYS B 60 -16.18 7.32 -25.81
CA CYS B 60 -15.88 8.79 -25.78
C CYS B 60 -15.68 9.38 -27.19
N SER B 61 -16.53 8.99 -28.14
CA SER B 61 -16.59 9.49 -29.55
C SER B 61 -16.65 11.02 -29.60
N SER B 62 -17.32 11.67 -28.65
CA SER B 62 -17.55 13.14 -28.68
C SER B 62 -16.29 13.92 -28.28
N TYR B 63 -15.33 13.32 -27.56
CA TYR B 63 -14.08 14.01 -27.17
C TYR B 63 -13.01 13.78 -28.23
N ALA B 64 -11.89 14.48 -28.10
CA ALA B 64 -10.74 14.34 -29.01
C ALA B 64 -9.48 14.30 -28.16
N ILE B 65 -8.55 13.42 -28.52
CA ILE B 65 -7.29 13.19 -27.77
C ILE B 65 -6.25 14.21 -28.22
N GLU B 66 -5.64 14.90 -27.27
CA GLU B 66 -4.46 15.77 -27.52
C GLU B 66 -3.23 14.87 -27.64
N LYS B 67 -2.99 14.02 -26.63
CA LYS B 67 -1.84 13.11 -26.66
C LYS B 67 -2.05 11.97 -25.68
N ILE B 68 -1.26 10.91 -25.89
CA ILE B 68 -1.19 9.69 -25.03
C ILE B 68 0.28 9.52 -24.66
N GLU B 69 0.56 9.54 -23.35
CA GLU B 69 1.91 9.37 -22.79
C GLU B 69 2.00 8.00 -22.12
N ARG B 70 3.02 7.21 -22.46
CA ARG B 70 3.38 5.96 -21.72
C ARG B 70 4.11 6.36 -20.44
N ILE B 71 3.61 5.92 -19.29
CA ILE B 71 4.22 6.19 -17.96
C ILE B 71 5.22 5.08 -17.67
N GLN B 72 6.50 5.45 -17.59
CA GLN B 72 7.63 4.56 -17.23
C GLN B 72 8.07 4.96 -15.83
N ASN B 73 7.51 4.27 -14.83
CA ASN B 73 7.85 4.48 -13.41
C ASN B 73 8.41 3.17 -12.86
N ALA B 74 9.75 3.08 -12.77
CA ALA B 74 10.47 1.83 -12.43
C ALA B 74 9.98 1.27 -11.08
N PHE B 75 9.92 2.10 -10.05
CA PHE B 75 9.57 1.71 -8.67
C PHE B 75 8.11 1.26 -8.61
N LEU B 76 7.18 2.03 -9.17
CA LEU B 76 5.74 1.64 -9.20
C LEU B 76 5.60 0.32 -9.96
N TRP B 77 6.38 0.13 -11.02
CA TRP B 77 6.28 -1.09 -11.86
C TRP B 77 6.72 -2.31 -11.04
N GLN B 78 7.88 -2.21 -10.37
CA GLN B 78 8.44 -3.33 -9.56
C GLN B 78 7.40 -3.78 -8.51
N SER B 79 6.88 -2.83 -7.72
CA SER B 79 5.96 -3.15 -6.59
C SER B 79 4.68 -3.74 -7.16
N TYR B 80 4.14 -3.13 -8.22
CA TYR B 80 2.94 -3.66 -8.91
C TYR B 80 3.23 -5.08 -9.40
N GLN B 81 4.38 -5.33 -10.00
CA GLN B 81 4.64 -6.67 -10.60
C GLN B 81 4.77 -7.71 -9.47
N VAL B 82 5.33 -7.37 -8.31
CA VAL B 82 5.44 -8.38 -7.21
C VAL B 82 4.02 -8.66 -6.70
N LYS B 83 3.15 -7.65 -6.64
CA LYS B 83 1.74 -7.88 -6.20
C LYS B 83 1.03 -8.76 -7.22
N LYS B 84 1.29 -8.59 -8.52
CA LYS B 84 0.62 -9.41 -9.57
C LYS B 84 1.06 -10.86 -9.40
N ARG B 85 2.36 -11.09 -9.26
CA ARG B 85 2.94 -12.46 -9.15
C ARG B 85 2.32 -13.12 -7.91
N GLN B 86 2.23 -12.39 -6.80
CA GLN B 86 1.63 -12.88 -5.54
C GLN B 86 0.17 -13.29 -5.79
N MET B 87 -0.60 -12.49 -6.53
CA MET B 87 -2.05 -12.75 -6.71
C MET B 87 -2.25 -13.90 -7.70
N ASP B 88 -1.39 -14.00 -8.72
CA ASP B 88 -1.38 -15.13 -9.69
C ASP B 88 -1.09 -16.46 -8.96
N ILE B 89 -0.10 -16.48 -8.06
CA ILE B 89 0.19 -17.66 -7.19
C ILE B 89 -1.06 -17.94 -6.34
N LYS B 90 -1.57 -16.95 -5.59
CA LYS B 90 -2.62 -17.15 -4.57
C LYS B 90 -3.90 -17.67 -5.23
N ASN B 91 -4.26 -17.12 -6.40
CA ASN B 91 -5.57 -17.41 -7.06
C ASN B 91 -5.42 -18.57 -8.05
N ASP B 92 -4.21 -19.03 -8.32
CA ASP B 92 -3.96 -20.22 -9.18
C ASP B 92 -4.80 -20.08 -10.47
N HIS B 93 -4.52 -19.00 -11.18
CA HIS B 93 -5.06 -18.56 -12.50
C HIS B 93 -4.51 -17.15 -12.68
N LYS B 94 -4.53 -16.67 -13.93
CA LYS B 94 -3.85 -15.41 -14.36
C LYS B 94 -4.89 -14.55 -15.08
N ASN B 95 -6.14 -14.53 -14.60
CA ASN B 95 -7.15 -13.57 -15.11
C ASN B 95 -7.38 -12.53 -14.01
N ASN B 96 -6.30 -12.08 -13.37
CA ASN B 96 -6.34 -11.21 -12.18
C ASN B 96 -6.25 -9.72 -12.59
N GLU B 97 -5.89 -9.43 -13.83
CA GLU B 97 -5.51 -8.06 -14.24
C GLU B 97 -6.46 -7.55 -15.33
N ARG B 98 -7.00 -6.36 -15.14
CA ARG B 98 -7.86 -5.70 -16.13
C ARG B 98 -7.23 -4.37 -16.47
N LEU B 99 -7.49 -3.88 -17.67
CA LEU B 99 -7.09 -2.54 -18.13
C LEU B 99 -8.30 -1.60 -17.96
N LEU B 100 -8.20 -0.69 -17.01
CA LEU B 100 -9.33 0.19 -16.64
C LEU B 100 -8.93 1.67 -16.72
N PHE B 101 -9.90 2.57 -16.61
CA PHE B 101 -9.72 4.04 -16.70
C PHE B 101 -9.87 4.69 -15.33
N HIS B 102 -9.19 5.82 -15.18
CA HIS B 102 -9.25 6.67 -13.97
C HIS B 102 -9.14 8.14 -14.38
N GLY B 103 -10.25 8.87 -14.35
CA GLY B 103 -10.23 10.33 -14.57
C GLY B 103 -9.80 11.04 -13.31
N THR B 104 -8.96 12.06 -13.42
CA THR B 104 -8.58 12.88 -12.24
C THR B 104 -8.37 14.33 -12.68
N ASP B 105 -8.15 15.22 -11.71
CA ASP B 105 -7.87 16.65 -11.94
C ASP B 105 -6.38 16.81 -12.22
N ALA B 106 -6.00 17.93 -12.84
CA ALA B 106 -4.60 18.25 -13.23
C ALA B 106 -3.71 18.32 -12.00
N ASP B 107 -4.24 18.81 -10.87
CA ASP B 107 -3.42 19.01 -9.63
C ASP B 107 -2.93 17.64 -9.13
N SER B 108 -3.65 16.56 -9.44
CA SER B 108 -3.36 15.17 -8.96
C SER B 108 -2.36 14.46 -9.88
N VAL B 109 -2.14 14.95 -11.10
CA VAL B 109 -1.42 14.18 -12.15
C VAL B 109 0.04 13.98 -11.75
N PRO B 110 0.79 15.02 -11.30
CA PRO B 110 2.18 14.80 -10.89
C PRO B 110 2.32 13.77 -9.75
N TYR B 111 1.39 13.74 -8.79
CA TYR B 111 1.43 12.77 -7.67
C TYR B 111 1.21 11.37 -8.22
N VAL B 112 0.18 11.17 -9.04
CA VAL B 112 -0.16 9.82 -9.58
C VAL B 112 1.01 9.30 -10.43
N ASN B 113 1.56 10.15 -11.30
CA ASN B 113 2.72 9.82 -12.16
C ASN B 113 3.86 9.26 -11.31
N GLN B 114 4.13 9.87 -10.17
CA GLN B 114 5.30 9.51 -9.32
C GLN B 114 4.90 8.40 -8.35
N HIS B 115 3.72 8.50 -7.72
CA HIS B 115 3.41 7.71 -6.50
C HIS B 115 2.23 6.78 -6.73
N GLY B 116 1.52 6.90 -7.84
CA GLY B 116 0.36 6.03 -8.15
C GLY B 116 -0.91 6.47 -7.43
N PHE B 117 -1.85 5.54 -7.22
CA PHE B 117 -3.20 5.80 -6.69
C PHE B 117 -3.21 5.61 -5.18
N ASN B 118 -3.64 6.63 -4.45
CA ASN B 118 -3.61 6.65 -2.96
C ASN B 118 -5.05 6.73 -2.46
N ARG B 119 -5.57 5.62 -1.91
CA ARG B 119 -6.98 5.51 -1.44
C ARG B 119 -7.27 6.64 -0.44
N SER B 120 -6.25 7.14 0.27
CA SER B 120 -6.42 8.19 1.30
C SER B 120 -6.74 9.54 0.64
N CYS B 121 -6.53 9.68 -0.67
CA CYS B 121 -6.79 10.89 -1.49
C CYS B 121 -8.10 10.75 -2.28
N ALA B 122 -8.63 9.52 -2.37
CA ALA B 122 -9.75 9.15 -3.28
C ALA B 122 -10.97 10.01 -2.96
N GLY B 123 -11.73 10.41 -3.99
CA GLY B 123 -13.05 11.04 -3.81
C GLY B 123 -14.07 10.04 -3.30
N LYS B 124 -15.06 10.50 -2.54
CA LYS B 124 -16.33 9.77 -2.30
C LYS B 124 -17.04 9.67 -3.65
N ASN B 125 -17.26 8.46 -4.16
CA ASN B 125 -17.93 8.27 -5.48
C ASN B 125 -19.43 8.54 -5.31
N ALA B 126 -20.11 8.95 -6.37
CA ALA B 126 -21.58 9.24 -6.34
C ALA B 126 -22.36 7.97 -5.95
N VAL B 127 -21.90 6.80 -6.39
CA VAL B 127 -22.38 5.48 -5.89
C VAL B 127 -21.18 4.79 -5.24
N SER B 128 -21.14 4.79 -3.91
CA SER B 128 -19.98 4.25 -3.16
C SER B 128 -20.19 2.76 -2.90
N TYR B 129 -19.25 1.95 -3.40
CA TYR B 129 -19.14 0.50 -3.12
C TYR B 129 -17.90 0.25 -2.25
N GLY B 130 -17.42 1.27 -1.54
CA GLY B 130 -16.33 1.16 -0.56
C GLY B 130 -15.43 2.36 -0.62
N LYS B 131 -14.67 2.59 0.46
CA LYS B 131 -13.69 3.67 0.63
C LYS B 131 -12.33 3.23 0.04
N GLY B 132 -12.18 3.35 -1.28
CA GLY B 132 -10.97 2.92 -1.98
C GLY B 132 -10.77 3.70 -3.25
N THR B 133 -9.82 3.29 -4.08
CA THR B 133 -9.56 3.94 -5.39
C THR B 133 -10.45 3.26 -6.44
N TYR B 134 -11.16 4.06 -7.23
CA TYR B 134 -12.18 3.64 -8.22
C TYR B 134 -11.57 3.66 -9.64
N PHE B 135 -11.90 2.64 -10.42
CA PHE B 135 -11.45 2.45 -11.82
C PHE B 135 -12.65 2.03 -12.64
N ALA B 136 -12.81 2.62 -13.84
CA ALA B 136 -13.99 2.43 -14.70
C ALA B 136 -13.69 1.47 -15.82
N VAL B 137 -14.65 0.64 -16.20
CA VAL B 137 -14.58 -0.20 -17.42
C VAL B 137 -14.60 0.71 -18.66
N ASP B 138 -15.53 1.67 -18.69
CA ASP B 138 -15.79 2.56 -19.86
C ASP B 138 -15.15 3.90 -19.61
N ALA B 139 -14.39 4.38 -20.60
CA ALA B 139 -13.78 5.73 -20.65
C ALA B 139 -14.85 6.80 -20.36
N SER B 140 -16.04 6.63 -20.93
CA SER B 140 -17.19 7.55 -20.73
C SER B 140 -17.36 7.88 -19.25
N TYR B 141 -17.24 6.89 -18.37
CA TYR B 141 -17.47 7.09 -16.93
C TYR B 141 -16.40 8.07 -16.39
N SER B 142 -15.13 7.77 -16.66
CA SER B 142 -13.95 8.57 -16.25
C SER B 142 -13.98 9.95 -16.93
N ALA B 143 -14.70 10.10 -18.05
CA ALA B 143 -14.73 11.34 -18.86
C ALA B 143 -15.62 12.41 -18.20
N LYS B 144 -16.47 12.06 -17.24
CA LYS B 144 -17.35 13.03 -16.54
C LYS B 144 -16.47 14.09 -15.87
N ASP B 145 -16.92 15.34 -15.88
CA ASP B 145 -16.17 16.51 -15.34
C ASP B 145 -15.92 16.26 -13.85
N THR B 146 -16.80 15.52 -13.18
CA THR B 146 -16.65 15.17 -11.75
C THR B 146 -15.31 14.48 -11.51
N TYR B 147 -14.84 13.65 -12.45
CA TYR B 147 -13.55 12.90 -12.31
C TYR B 147 -12.46 13.60 -13.09
N SER B 148 -12.56 13.62 -14.42
CA SER B 148 -11.58 14.27 -15.32
C SER B 148 -11.89 15.77 -15.42
N LYS B 149 -11.66 16.51 -14.34
CA LYS B 149 -12.02 17.94 -14.20
C LYS B 149 -11.22 18.75 -15.23
N PRO B 150 -11.88 19.51 -16.13
CA PRO B 150 -11.18 20.35 -17.10
C PRO B 150 -10.27 21.33 -16.36
N ASP B 151 -9.01 21.46 -16.75
CA ASP B 151 -8.10 22.45 -16.12
C ASP B 151 -8.42 23.83 -16.70
N SER B 152 -7.69 24.87 -16.29
CA SER B 152 -7.86 26.26 -16.78
C SER B 152 -7.78 26.33 -18.32
N ASN B 153 -7.17 25.36 -19.00
CA ASN B 153 -7.06 25.39 -20.49
C ASN B 153 -8.01 24.41 -21.17
N GLY B 154 -8.98 23.85 -20.43
CA GLY B 154 -10.00 22.93 -21.00
C GLY B 154 -9.45 21.51 -21.22
N ARG B 155 -8.30 21.19 -20.63
CA ARG B 155 -7.68 19.86 -20.80
C ARG B 155 -8.22 18.93 -19.71
N LYS B 156 -8.64 17.73 -20.12
CA LYS B 156 -9.11 16.65 -19.23
C LYS B 156 -8.09 15.52 -19.25
N HIS B 157 -7.91 14.87 -18.10
CA HIS B 157 -6.85 13.87 -17.83
C HIS B 157 -7.48 12.56 -17.38
N MET B 158 -7.12 11.49 -18.07
CA MET B 158 -7.59 10.12 -17.79
C MET B 158 -6.41 9.17 -17.91
N TYR B 159 -6.14 8.42 -16.84
CA TYR B 159 -5.16 7.33 -16.83
C TYR B 159 -5.79 6.06 -17.39
N VAL B 160 -4.97 5.29 -18.09
CA VAL B 160 -5.28 3.88 -18.47
C VAL B 160 -4.41 3.01 -17.55
N VAL B 161 -5.05 2.10 -16.83
CA VAL B 161 -4.49 1.51 -15.57
C VAL B 161 -4.64 -0.01 -15.60
N ARG B 162 -3.53 -0.71 -15.37
CA ARG B 162 -3.48 -2.14 -15.05
C ARG B 162 -3.89 -2.27 -13.58
N VAL B 163 -5.01 -2.95 -13.33
CA VAL B 163 -5.62 -3.12 -11.99
C VAL B 163 -5.69 -4.62 -11.68
N LEU B 164 -5.18 -5.02 -10.51
CA LEU B 164 -5.30 -6.42 -10.02
C LEU B 164 -6.69 -6.56 -9.39
N THR B 165 -7.69 -6.76 -10.24
CA THR B 165 -9.11 -6.95 -9.83
C THR B 165 -9.27 -8.33 -9.16
N GLY B 166 -8.47 -9.31 -9.58
CA GLY B 166 -8.47 -10.67 -9.02
C GLY B 166 -9.86 -11.26 -8.92
N VAL B 167 -10.17 -11.85 -7.76
CA VAL B 167 -11.53 -12.37 -7.45
C VAL B 167 -12.29 -11.25 -6.72
N PHE B 168 -13.46 -10.89 -7.22
CA PHE B 168 -14.22 -9.74 -6.71
C PHE B 168 -15.67 -10.12 -6.37
N THR B 169 -16.28 -9.25 -5.60
CA THR B 169 -17.68 -9.36 -5.15
C THR B 169 -18.30 -7.97 -5.20
N LYS B 170 -19.63 -7.90 -5.09
CA LYS B 170 -20.33 -6.59 -5.01
C LYS B 170 -19.92 -5.88 -3.72
N GLY B 171 -19.43 -4.64 -3.81
CA GLY B 171 -18.98 -3.88 -2.64
C GLY B 171 -20.14 -3.29 -1.84
N ARG B 172 -19.77 -2.57 -0.77
CA ARG B 172 -20.71 -1.81 0.08
CA ARG B 172 -20.67 -1.87 0.16
C ARG B 172 -19.97 -0.57 0.62
N ALA B 173 -20.72 0.54 0.74
CA ALA B 173 -20.21 1.87 1.14
C ALA B 173 -19.28 1.78 2.37
N GLY B 174 -19.54 0.88 3.32
CA GLY B 174 -18.80 0.84 4.59
C GLY B 174 -17.38 0.30 4.49
N LEU B 175 -17.03 -0.42 3.42
CA LEU B 175 -15.75 -1.16 3.29
C LEU B 175 -14.54 -0.21 3.31
N VAL B 176 -13.54 -0.50 4.13
CA VAL B 176 -12.19 0.13 4.05
C VAL B 176 -11.15 -0.90 3.55
N THR B 177 -11.54 -2.18 3.51
CA THR B 177 -10.78 -3.31 2.90
C THR B 177 -11.78 -4.16 2.13
N PRO B 178 -11.33 -5.02 1.19
CA PRO B 178 -12.28 -5.88 0.50
C PRO B 178 -12.82 -6.81 1.59
N PRO B 179 -14.05 -7.31 1.44
CA PRO B 179 -14.65 -8.18 2.45
C PRO B 179 -14.00 -9.55 2.38
N PRO B 180 -14.12 -10.39 3.43
CA PRO B 180 -13.65 -11.78 3.36
C PRO B 180 -14.54 -12.60 2.41
N LYS B 181 -13.98 -13.62 1.77
CA LYS B 181 -14.75 -14.61 0.98
CA LYS B 181 -14.77 -14.60 0.97
C LYS B 181 -15.66 -15.41 1.91
N ASN B 182 -15.24 -15.56 3.17
CA ASN B 182 -15.86 -16.44 4.19
C ASN B 182 -15.85 -15.73 5.55
N PRO B 183 -17.03 -15.46 6.14
CA PRO B 183 -17.12 -14.75 7.41
C PRO B 183 -16.36 -15.43 8.58
N HIS B 184 -16.18 -16.74 8.54
CA HIS B 184 -15.47 -17.50 9.61
C HIS B 184 -13.95 -17.49 9.34
N ASN B 185 -13.49 -16.85 8.25
CA ASN B 185 -12.04 -16.63 7.94
C ASN B 185 -11.88 -15.17 7.52
N PRO B 186 -11.97 -14.23 8.49
CA PRO B 186 -12.01 -12.80 8.15
C PRO B 186 -10.78 -12.26 7.38
N THR B 187 -9.63 -12.94 7.40
CA THR B 187 -8.36 -12.46 6.78
C THR B 187 -8.20 -12.95 5.33
N ASP B 188 -9.06 -13.83 4.84
CA ASP B 188 -8.92 -14.38 3.46
C ASP B 188 -9.83 -13.57 2.54
N LEU B 189 -9.28 -12.54 1.92
CA LEU B 189 -10.07 -11.41 1.34
C LEU B 189 -10.33 -11.65 -0.13
N PHE B 190 -11.47 -11.18 -0.64
CA PHE B 190 -11.61 -10.82 -2.07
C PHE B 190 -10.48 -9.85 -2.43
N ASP B 191 -10.11 -9.75 -3.71
CA ASP B 191 -9.02 -8.87 -4.18
C ASP B 191 -9.57 -7.46 -4.44
N SER B 192 -10.81 -7.35 -4.91
CA SER B 192 -11.44 -6.05 -5.20
C SER B 192 -12.96 -6.16 -5.03
N VAL B 193 -13.65 -5.05 -5.14
CA VAL B 193 -15.13 -5.06 -5.22
C VAL B 193 -15.58 -4.36 -6.48
N THR B 194 -16.83 -4.63 -6.87
CA THR B 194 -17.47 -4.09 -8.09
C THR B 194 -18.86 -3.58 -7.74
N ASN B 195 -19.47 -2.83 -8.65
CA ASN B 195 -20.86 -2.32 -8.51
C ASN B 195 -21.82 -3.49 -8.81
N ASN B 196 -21.40 -4.45 -9.62
CA ASN B 196 -22.27 -5.53 -10.18
C ASN B 196 -21.39 -6.67 -10.70
N THR B 197 -21.46 -7.87 -10.12
CA THR B 197 -20.52 -8.98 -10.46
C THR B 197 -20.85 -9.55 -11.85
N ARG B 198 -22.12 -9.50 -12.25
CA ARG B 198 -22.64 -10.04 -13.55
C ARG B 198 -22.27 -9.08 -14.68
N SER B 199 -22.37 -7.76 -14.46
CA SER B 199 -21.99 -6.70 -15.44
C SER B 199 -21.14 -5.62 -14.76
N PRO B 200 -19.83 -5.85 -14.53
CA PRO B 200 -19.00 -4.88 -13.80
C PRO B 200 -18.77 -3.62 -14.63
N LYS B 201 -19.04 -2.45 -14.08
CA LYS B 201 -18.68 -1.15 -14.71
C LYS B 201 -17.65 -0.40 -13.87
N LEU B 202 -17.52 -0.71 -12.58
CA LEU B 202 -16.38 -0.12 -11.84
C LEU B 202 -15.79 -1.12 -10.85
N PHE B 203 -14.53 -0.86 -10.48
CA PHE B 203 -13.78 -1.67 -9.52
C PHE B 203 -13.16 -0.74 -8.49
N VAL B 204 -13.11 -1.19 -7.24
CA VAL B 204 -12.51 -0.43 -6.11
C VAL B 204 -11.39 -1.30 -5.54
N VAL B 205 -10.21 -0.73 -5.37
CA VAL B 205 -9.08 -1.46 -4.74
C VAL B 205 -8.70 -0.68 -3.49
N PHE B 206 -8.15 -1.38 -2.51
CA PHE B 206 -7.99 -0.87 -1.13
C PHE B 206 -6.52 -0.94 -0.72
N PHE B 207 -5.61 -1.35 -1.61
CA PHE B 207 -4.16 -1.50 -1.28
C PHE B 207 -3.30 -0.72 -2.25
N ASP B 208 -2.15 -0.25 -1.74
CA ASP B 208 -1.11 0.41 -2.55
C ASP B 208 -0.52 -0.62 -3.52
N ASN B 209 -0.16 -0.21 -4.73
CA ASN B 209 0.61 -1.05 -5.67
C ASN B 209 -0.29 -2.16 -6.25
N GLN B 210 -1.61 -1.99 -6.20
CA GLN B 210 -2.59 -2.93 -6.80
C GLN B 210 -3.02 -2.40 -8.18
N ALA B 211 -2.58 -1.19 -8.55
CA ALA B 211 -2.90 -0.50 -9.81
C ALA B 211 -1.63 0.18 -10.33
N TYR B 212 -1.30 -0.01 -11.61
CA TYR B 212 -0.16 0.68 -12.26
C TYR B 212 -0.71 1.67 -13.29
N PRO B 213 -0.42 2.97 -13.14
CA PRO B 213 -0.86 3.97 -14.12
C PRO B 213 0.06 3.79 -15.34
N GLU B 214 -0.48 3.26 -16.45
CA GLU B 214 0.35 2.87 -17.62
C GLU B 214 0.35 3.99 -18.70
N TYR B 215 -0.78 4.64 -18.92
CA TYR B 215 -0.92 5.73 -19.91
C TYR B 215 -1.70 6.86 -19.27
N LEU B 216 -1.34 8.09 -19.66
CA LEU B 216 -2.06 9.34 -19.37
C LEU B 216 -2.63 9.85 -20.69
N ILE B 217 -3.94 9.94 -20.80
CA ILE B 217 -4.64 10.53 -21.98
C ILE B 217 -5.00 11.96 -21.62
N THR B 218 -4.45 12.94 -22.35
CA THR B 218 -4.87 14.36 -22.29
C THR B 218 -5.86 14.57 -23.43
N PHE B 219 -7.06 15.08 -23.13
CA PHE B 219 -8.13 15.22 -24.14
C PHE B 219 -8.92 16.50 -23.84
N THR B 220 -9.72 16.92 -24.82
CA THR B 220 -10.56 18.16 -24.79
C THR B 220 -11.89 17.82 -25.44
N ALA B 221 -12.88 18.69 -25.24
CA ALA B 221 -14.16 18.69 -25.99
C ALA B 221 -13.86 19.22 -27.40
#